data_1A8W
#
_entry.id   1A8W
#
_cell.length_a   1.000
_cell.length_b   1.000
_cell.length_c   1.000
_cell.angle_alpha   90.00
_cell.angle_beta   90.00
_cell.angle_gamma   90.00
#
_symmetry.space_group_name_H-M   'P 1'
#
_entity_poly.entity_id   1
_entity_poly.type   'polydeoxyribonucleotide'
_entity_poly.pdbx_seq_one_letter_code
;(DG)(DG)(DG)(DC)(DT)(DT)(DT)(DT)(DG)(DG)(DG)(DC)
;
_entity_poly.pdbx_strand_id   A,B
#